data_5BSZ
#
_entry.id   5BSZ
#
_cell.length_a   63.254
_cell.length_b   81.004
_cell.length_c   126.916
_cell.angle_alpha   90.00
_cell.angle_beta   90.00
_cell.angle_gamma   90.00
#
_symmetry.space_group_name_H-M   'I 2 2 2'
#
loop_
_entity.id
_entity.type
_entity.pdbx_description
1 polymer N-methyltransferase
2 non-polymer S-ADENOSYL-L-HOMOCYSTEINE
3 non-polymer 1,2-ETHANEDIOL
4 non-polymer THYMIDINE
5 water water
#
_entity_poly.entity_id   1
_entity_poly.type   'polypeptide(L)'
_entity_poly.pdbx_seq_one_letter_code
;GHMAVGSTSVYGDALGEVYDLFYRGRGKDFAAEAEWVRRVVRERRPGARSLLDVACGTGEHLAHLVEHFPDAAGVELSPA
MRAAAERKLTATPVHQADMFDFDLGRVFDAVCCLTGSIAYAADTAELARAVRAMARHLPVGGVLVIDPWWSPGTFLDGHI
AHDVVEGEGRTVVRLSRSHRIGDVSRHEAHYLAADATGVRHFSQVQDLTLFPAEDYLAALAAAGCEPEHLTDVGQPRRGL
FVGVRREGGR
;
_entity_poly.pdbx_strand_id   A
#
loop_
_chem_comp.id
_chem_comp.type
_chem_comp.name
_chem_comp.formula
EDO non-polymer 1,2-ETHANEDIOL 'C2 H6 O2'
THM DNA OH 5 prime terminus THYMIDINE 'C10 H14 N2 O5'
#
# COMPACT_ATOMS: atom_id res chain seq x y z
N GLY A 1 -47.23 19.49 -4.85
CA GLY A 1 -47.67 18.09 -5.08
C GLY A 1 -46.69 17.08 -4.54
N HIS A 2 -47.02 15.80 -4.70
CA HIS A 2 -46.18 14.73 -4.11
C HIS A 2 -44.90 14.64 -4.98
N MET A 3 -43.76 14.45 -4.36
CA MET A 3 -42.48 14.37 -5.04
C MET A 3 -41.83 13.02 -4.61
N ALA A 4 -41.59 12.15 -5.56
CA ALA A 4 -41.01 10.82 -5.29
C ALA A 4 -39.59 10.98 -4.70
N VAL A 5 -39.14 9.95 -4.01
CA VAL A 5 -37.75 9.79 -3.65
C VAL A 5 -37.22 8.47 -4.20
N GLY A 6 -35.90 8.41 -4.36
CA GLY A 6 -35.26 7.42 -5.20
C GLY A 6 -33.86 7.09 -4.71
N SER A 7 -33.36 5.92 -5.14
CA SER A 7 -31.96 5.61 -4.96
C SER A 7 -31.49 4.82 -6.17
N THR A 8 -30.20 5.02 -6.47
CA THR A 8 -29.51 4.15 -7.43
CA THR A 8 -29.49 4.22 -7.45
C THR A 8 -28.26 3.62 -6.74
N SER A 9 -28.02 2.31 -6.87
CA SER A 9 -26.87 1.64 -6.32
C SER A 9 -26.12 0.89 -7.46
N VAL A 10 -24.81 1.06 -7.52
CA VAL A 10 -24.00 0.27 -8.44
CA VAL A 10 -23.92 0.36 -8.46
C VAL A 10 -22.95 -0.52 -7.65
N TYR A 11 -22.72 -1.73 -8.10
CA TYR A 11 -21.92 -2.73 -7.41
C TYR A 11 -20.82 -3.17 -8.37
N GLY A 12 -19.63 -3.37 -7.88
CA GLY A 12 -18.55 -3.94 -8.70
C GLY A 12 -17.29 -4.19 -7.94
N ASP A 13 -16.28 -4.67 -8.66
CA ASP A 13 -14.93 -4.74 -8.13
C ASP A 13 -14.34 -3.36 -7.88
N ALA A 14 -13.46 -3.29 -6.90
CA ALA A 14 -12.80 -2.03 -6.56
C ALA A 14 -11.28 -2.14 -6.45
N LEU A 15 -10.56 -1.15 -6.99
CA LEU A 15 -9.12 -0.91 -6.71
C LEU A 15 -8.93 0.49 -6.05
N GLY A 16 -7.70 0.86 -5.69
CA GLY A 16 -7.39 2.20 -5.17
C GLY A 16 -8.31 3.31 -5.71
N GLU A 17 -8.89 4.11 -4.80
CA GLU A 17 -9.67 5.30 -5.18
C GLU A 17 -9.22 6.59 -4.48
N VAL A 18 -9.15 7.68 -5.27
CA VAL A 18 -8.46 8.93 -4.92
C VAL A 18 -8.90 9.46 -3.57
N TYR A 19 -10.20 9.72 -3.44
CA TYR A 19 -10.76 10.32 -2.23
C TYR A 19 -10.64 9.37 -1.04
N ASP A 20 -10.93 8.09 -1.27
CA ASP A 20 -10.79 7.09 -0.24
C ASP A 20 -9.37 7.10 0.33
N LEU A 21 -8.38 7.12 -0.57
CA LEU A 21 -7.00 7.10 -0.14
C LEU A 21 -6.63 8.43 0.52
N PHE A 22 -7.18 9.55 0.02
CA PHE A 22 -7.01 10.87 0.66
C PHE A 22 -7.44 10.73 2.13
N TYR A 23 -8.61 10.14 2.26
CA TYR A 23 -9.35 10.15 3.49
C TYR A 23 -8.65 9.28 4.55
N ARG A 24 -8.44 8.01 4.21
CA ARG A 24 -7.56 7.13 4.99
C ARG A 24 -6.25 7.82 5.41
N GLY A 25 -5.67 8.59 4.50
CA GLY A 25 -4.35 9.19 4.71
C GLY A 25 -4.24 10.27 5.77
N ARG A 26 -5.36 10.63 6.40
CA ARG A 26 -5.42 11.88 7.13
C ARG A 26 -4.55 11.91 8.39
N GLY A 27 -4.62 10.86 9.20
CA GLY A 27 -3.76 10.74 10.39
C GLY A 27 -2.47 9.97 10.15
N LYS A 28 -2.20 9.68 8.87
CA LYS A 28 -1.09 8.82 8.49
C LYS A 28 0.17 9.64 8.36
N ASP A 29 1.27 9.13 8.90
CA ASP A 29 2.54 9.84 8.91
C ASP A 29 3.41 9.39 7.74
N PHE A 30 3.15 10.01 6.59
CA PHE A 30 3.85 9.60 5.37
C PHE A 30 5.32 9.87 5.58
N ALA A 31 5.61 10.98 6.24
CA ALA A 31 6.97 11.39 6.54
C ALA A 31 7.76 10.37 7.36
N ALA A 32 7.16 9.89 8.45
CA ALA A 32 7.79 8.88 9.30
C ALA A 32 8.08 7.65 8.46
N GLU A 33 7.10 7.23 7.67
CA GLU A 33 7.22 5.96 6.94
C GLU A 33 8.26 6.09 5.82
N ALA A 34 8.24 7.19 5.07
CA ALA A 34 9.30 7.45 4.10
C ALA A 34 10.67 7.40 4.75
N GLU A 35 10.75 7.95 5.96
CA GLU A 35 11.98 7.89 6.74
C GLU A 35 12.44 6.49 7.07
N TRP A 36 11.52 5.60 7.46
CA TRP A 36 11.94 4.20 7.60
C TRP A 36 12.69 3.68 6.39
N VAL A 37 12.09 3.89 5.22
CA VAL A 37 12.65 3.38 3.98
C VAL A 37 14.04 4.01 3.73
N ARG A 38 14.12 5.32 3.82
CA ARG A 38 15.36 6.05 3.54
C ARG A 38 16.51 5.50 4.40
N ARG A 39 16.20 5.34 5.69
CA ARG A 39 17.17 4.96 6.71
C ARG A 39 17.65 3.54 6.49
N VAL A 40 16.72 2.60 6.32
CA VAL A 40 17.09 1.20 6.14
C VAL A 40 17.89 1.00 4.83
N VAL A 41 17.50 1.70 3.78
CA VAL A 41 18.22 1.66 2.48
C VAL A 41 19.63 2.29 2.60
N ARG A 42 19.74 3.48 3.15
CA ARG A 42 21.04 4.15 3.23
C ARG A 42 22.01 3.46 4.16
N GLU A 43 21.53 2.81 5.22
CA GLU A 43 22.41 1.96 6.01
C GLU A 43 23.07 0.87 5.21
N ARG A 44 22.35 0.28 4.25
CA ARG A 44 22.83 -0.91 3.56
C ARG A 44 23.43 -0.50 2.21
N ARG A 45 23.11 0.70 1.74
CA ARG A 45 23.45 1.16 0.38
C ARG A 45 23.61 2.67 0.45
N PRO A 46 24.78 3.11 0.93
CA PRO A 46 24.98 4.53 1.26
C PRO A 46 24.78 5.50 0.10
N GLY A 47 25.09 5.04 -1.10
CA GLY A 47 24.97 5.91 -2.25
C GLY A 47 23.63 5.78 -2.94
N ALA A 48 22.65 5.08 -2.35
CA ALA A 48 21.39 4.75 -3.05
C ALA A 48 20.71 6.01 -3.57
N ARG A 49 20.32 6.04 -4.85
CA ARG A 49 19.65 7.27 -5.37
C ARG A 49 18.42 7.02 -6.22
N SER A 50 18.17 5.75 -6.54
CA SER A 50 17.00 5.37 -7.31
C SER A 50 16.12 4.43 -6.49
N LEU A 51 14.82 4.60 -6.67
CA LEU A 51 13.83 3.87 -5.84
C LEU A 51 12.54 3.62 -6.63
N LEU A 52 12.04 2.40 -6.52
CA LEU A 52 10.72 2.05 -7.00
C LEU A 52 9.73 1.69 -5.86
N ASP A 53 8.59 2.39 -5.81
CA ASP A 53 7.51 2.13 -4.84
C ASP A 53 6.37 1.39 -5.52
N VAL A 54 6.18 0.14 -5.10
CA VAL A 54 5.24 -0.81 -5.69
C VAL A 54 3.91 -0.79 -4.92
N ALA A 55 2.82 -0.57 -5.67
CA ALA A 55 1.48 -0.26 -5.13
C ALA A 55 1.48 1.05 -4.38
N CYS A 56 1.92 2.09 -5.08
CA CYS A 56 2.23 3.37 -4.50
C CYS A 56 0.98 4.24 -4.18
N GLY A 57 -0.22 3.84 -4.56
CA GLY A 57 -1.43 4.65 -4.20
C GLY A 57 -1.32 6.06 -4.80
N THR A 58 -1.55 7.06 -3.99
CA THR A 58 -1.57 8.47 -4.41
C THR A 58 -0.16 9.00 -4.70
N GLY A 59 0.89 8.22 -4.42
CA GLY A 59 2.24 8.71 -4.64
C GLY A 59 2.78 9.60 -3.53
N GLU A 60 2.08 9.63 -2.40
CA GLU A 60 2.51 10.49 -1.35
C GLU A 60 3.82 10.11 -0.68
N HIS A 61 4.07 8.81 -0.47
CA HIS A 61 5.37 8.42 0.05
C HIS A 61 6.46 8.84 -0.98
N LEU A 62 6.22 8.62 -2.26
CA LEU A 62 7.21 9.02 -3.28
C LEU A 62 7.54 10.54 -3.22
N ALA A 63 6.54 11.35 -2.90
CA ALA A 63 6.73 12.79 -2.79
C ALA A 63 7.70 13.12 -1.68
N HIS A 64 7.68 12.34 -0.59
CA HIS A 64 8.77 12.42 0.38
C HIS A 64 10.08 11.81 -0.05
N LEU A 65 10.03 10.65 -0.66
CA LEU A 65 11.25 9.96 -0.94
C LEU A 65 12.11 10.61 -2.06
N VAL A 66 11.48 11.33 -2.97
CA VAL A 66 12.16 11.77 -4.15
C VAL A 66 13.27 12.76 -3.84
N GLU A 67 13.20 13.50 -2.74
CA GLU A 67 14.32 14.39 -2.35
C GLU A 67 15.60 13.58 -2.17
N HIS A 68 15.43 12.37 -1.67
CA HIS A 68 16.60 11.54 -1.36
C HIS A 68 16.92 10.61 -2.51
N PHE A 69 15.89 10.23 -3.25
CA PHE A 69 16.02 9.22 -4.28
C PHE A 69 15.47 9.84 -5.56
N PRO A 70 16.23 10.80 -6.12
CA PRO A 70 15.67 11.63 -7.20
C PRO A 70 15.34 10.83 -8.47
N ASP A 71 15.85 9.63 -8.66
CA ASP A 71 15.52 8.82 -9.86
C ASP A 71 14.51 7.75 -9.37
N ALA A 72 13.23 8.10 -9.42
CA ALA A 72 12.19 7.29 -8.74
C ALA A 72 11.10 6.87 -9.72
N ALA A 73 10.34 5.86 -9.31
CA ALA A 73 9.17 5.43 -10.08
C ALA A 73 8.14 4.77 -9.17
N GLY A 74 6.94 4.68 -9.70
CA GLY A 74 5.87 3.92 -9.00
C GLY A 74 5.27 2.84 -9.86
N VAL A 75 4.60 1.87 -9.21
CA VAL A 75 3.78 0.89 -9.90
C VAL A 75 2.44 0.93 -9.19
N GLU A 76 1.36 1.00 -9.98
CA GLU A 76 -0.02 1.05 -9.42
C GLU A 76 -0.97 0.39 -10.43
N LEU A 77 -1.76 -0.58 -9.99
CA LEU A 77 -2.74 -1.22 -10.86
C LEU A 77 -3.95 -0.38 -11.12
N SER A 78 -4.26 0.55 -10.25
CA SER A 78 -5.50 1.27 -10.40
C SER A 78 -5.25 2.45 -11.35
N PRO A 79 -5.96 2.51 -12.49
CA PRO A 79 -5.76 3.65 -13.39
C PRO A 79 -5.97 5.02 -12.71
N ALA A 80 -6.94 5.11 -11.82
CA ALA A 80 -7.22 6.36 -11.16
C ALA A 80 -6.06 6.77 -10.27
N MET A 81 -5.55 5.84 -9.44
CA MET A 81 -4.41 6.12 -8.58
C MET A 81 -3.18 6.49 -9.39
N ARG A 82 -2.93 5.74 -10.47
CA ARG A 82 -1.73 5.94 -11.28
C ARG A 82 -1.74 7.37 -11.80
N ALA A 83 -2.91 7.82 -12.26
CA ALA A 83 -3.00 9.16 -12.85
C ALA A 83 -2.84 10.21 -11.78
N ALA A 84 -3.43 10.00 -10.60
CA ALA A 84 -3.29 10.92 -9.48
C ALA A 84 -1.87 10.98 -8.93
N ALA A 85 -1.22 9.83 -8.79
CA ALA A 85 0.17 9.86 -8.40
C ALA A 85 1.02 10.64 -9.41
N GLU A 86 0.80 10.40 -10.69
CA GLU A 86 1.66 11.00 -11.69
C GLU A 86 1.48 12.50 -11.76
N ARG A 87 0.25 12.95 -11.62
CA ARG A 87 -0.10 14.35 -11.44
C ARG A 87 0.67 14.97 -10.29
N LYS A 88 0.82 14.26 -9.16
CA LYS A 88 1.39 14.88 -7.96
C LYS A 88 2.90 14.99 -8.00
N LEU A 89 3.56 14.13 -8.77
CA LEU A 89 5.00 14.00 -8.78
C LEU A 89 5.53 14.79 -10.00
N THR A 90 6.82 15.06 -10.05
CA THR A 90 7.46 15.72 -11.20
C THR A 90 8.41 14.75 -11.88
N ALA A 91 8.17 14.43 -13.15
CA ALA A 91 9.12 13.61 -13.89
C ALA A 91 9.41 12.28 -13.22
N THR A 92 8.41 11.77 -12.49
CA THR A 92 8.48 10.43 -11.90
C THR A 92 7.38 9.60 -12.55
N PRO A 93 7.78 8.59 -13.34
CA PRO A 93 6.77 7.81 -13.99
C PRO A 93 6.07 6.92 -12.96
N VAL A 94 4.77 6.77 -13.13
CA VAL A 94 3.97 5.76 -12.45
C VAL A 94 3.37 4.85 -13.48
N HIS A 95 3.77 3.60 -13.41
CA HIS A 95 3.41 2.62 -14.40
C HIS A 95 2.15 1.85 -13.94
N GLN A 96 1.23 1.59 -14.86
CA GLN A 96 0.09 0.73 -14.60
C GLN A 96 0.53 -0.70 -14.75
N ALA A 97 0.67 -1.40 -13.63
CA ALA A 97 1.08 -2.80 -13.65
C ALA A 97 0.72 -3.51 -12.37
N ASP A 98 0.73 -4.83 -12.53
CA ASP A 98 0.40 -5.79 -11.50
C ASP A 98 1.66 -6.15 -10.71
N MET A 99 1.59 -5.85 -9.43
CA MET A 99 2.73 -6.07 -8.50
C MET A 99 3.14 -7.52 -8.50
N PHE A 100 2.23 -8.41 -8.86
CA PHE A 100 2.50 -9.84 -8.82
C PHE A 100 3.35 -10.34 -9.97
N ASP A 101 3.36 -9.61 -11.07
CA ASP A 101 4.19 -9.98 -12.21
C ASP A 101 4.30 -8.76 -13.14
N PHE A 102 5.37 -8.00 -12.95
CA PHE A 102 5.62 -6.79 -13.73
C PHE A 102 7.13 -6.81 -14.08
N ASP A 103 7.50 -6.01 -15.06
CA ASP A 103 8.90 -5.90 -15.51
C ASP A 103 9.01 -4.57 -16.22
N LEU A 104 9.84 -3.71 -15.67
CA LEU A 104 9.99 -2.35 -16.11
C LEU A 104 11.27 -2.22 -17.00
N GLY A 105 12.09 -3.27 -17.12
CA GLY A 105 13.28 -3.21 -17.98
C GLY A 105 14.42 -2.39 -17.41
N ARG A 106 14.45 -2.17 -16.09
CA ARG A 106 15.55 -1.50 -15.38
C ARG A 106 15.56 -1.96 -13.95
N VAL A 107 16.65 -1.63 -13.27
CA VAL A 107 16.79 -1.79 -11.85
C VAL A 107 16.88 -0.45 -11.14
N PHE A 108 16.80 -0.54 -9.82
CA PHE A 108 16.77 0.59 -8.92
C PHE A 108 17.64 0.20 -7.73
N ASP A 109 18.22 1.18 -7.02
CA ASP A 109 18.97 0.88 -5.80
C ASP A 109 18.10 0.28 -4.68
N ALA A 110 16.83 0.68 -4.64
CA ALA A 110 15.86 0.19 -3.63
C ALA A 110 14.47 -0.04 -4.24
N VAL A 111 13.78 -1.06 -3.73
CA VAL A 111 12.37 -1.30 -4.07
C VAL A 111 11.58 -1.39 -2.74
N CYS A 112 10.46 -0.67 -2.66
CA CYS A 112 9.63 -0.81 -1.47
C CYS A 112 8.19 -1.13 -1.80
N CYS A 113 7.51 -1.73 -0.83
CA CYS A 113 6.07 -1.93 -0.93
C CYS A 113 5.50 -1.69 0.47
N LEU A 114 4.69 -0.66 0.62
CA LEU A 114 4.43 -0.10 1.92
C LEU A 114 2.99 -0.34 2.40
N THR A 115 2.78 -0.11 3.70
CA THR A 115 1.50 -0.19 4.38
C THR A 115 0.72 -1.48 4.18
N GLY A 116 1.43 -2.59 4.21
CA GLY A 116 0.86 -3.89 4.09
C GLY A 116 0.34 -4.30 2.75
N SER A 117 0.64 -3.52 1.71
CA SER A 117 0.07 -3.73 0.39
C SER A 117 0.43 -5.09 -0.20
N ILE A 118 1.54 -5.66 0.25
CA ILE A 118 1.95 -6.93 -0.27
C ILE A 118 0.96 -8.07 0.07
N ALA A 119 0.12 -7.84 1.07
CA ALA A 119 -0.81 -8.86 1.59
C ALA A 119 -2.10 -8.86 0.83
N TYR A 120 -2.19 -8.12 -0.26
CA TYR A 120 -3.08 -8.55 -1.33
C TYR A 120 -2.75 -9.93 -1.90
N ALA A 121 -1.51 -10.40 -1.73
CA ALA A 121 -1.20 -11.76 -2.11
C ALA A 121 -2.11 -12.70 -1.36
N ALA A 122 -2.66 -13.67 -2.06
CA ALA A 122 -3.66 -14.56 -1.46
C ALA A 122 -3.05 -15.77 -0.74
N ASP A 123 -1.81 -16.14 -1.06
CA ASP A 123 -1.16 -17.33 -0.48
C ASP A 123 0.35 -17.17 -0.62
N THR A 124 1.08 -18.07 0.00
CA THR A 124 2.55 -18.01 0.05
C THR A 124 3.23 -18.00 -1.31
N ALA A 125 2.70 -18.79 -2.23
CA ALA A 125 3.21 -18.83 -3.58
C ALA A 125 3.08 -17.46 -4.24
N GLU A 126 1.92 -16.82 -4.11
CA GLU A 126 1.72 -15.48 -4.66
C GLU A 126 2.56 -14.40 -3.99
N LEU A 127 2.75 -14.52 -2.69
CA LEU A 127 3.67 -13.66 -1.97
C LEU A 127 5.08 -13.76 -2.56
N ALA A 128 5.52 -15.00 -2.74
CA ALA A 128 6.83 -15.28 -3.34
C ALA A 128 6.91 -14.69 -4.73
N ARG A 129 5.85 -14.74 -5.53
CA ARG A 129 5.90 -14.15 -6.87
CA ARG A 129 5.89 -14.16 -6.88
C ARG A 129 6.07 -12.64 -6.87
N ALA A 130 5.30 -11.96 -6.03
CA ALA A 130 5.49 -10.50 -5.82
C ALA A 130 6.92 -10.16 -5.39
N VAL A 131 7.48 -10.89 -4.44
CA VAL A 131 8.79 -10.54 -3.90
C VAL A 131 9.86 -10.81 -4.96
N ARG A 132 9.66 -11.87 -5.73
CA ARG A 132 10.55 -12.12 -6.86
C ARG A 132 10.52 -10.99 -7.89
N ALA A 133 9.32 -10.53 -8.22
CA ALA A 133 9.21 -9.50 -9.24
C ALA A 133 9.87 -8.23 -8.74
N MET A 134 9.66 -7.86 -7.47
CA MET A 134 10.41 -6.79 -6.82
C MET A 134 11.94 -6.97 -6.88
N ALA A 135 12.43 -8.14 -6.47
CA ALA A 135 13.86 -8.47 -6.43
C ALA A 135 14.55 -8.41 -7.80
N ARG A 136 13.86 -8.74 -8.89
CA ARG A 136 14.52 -8.58 -10.17
C ARG A 136 14.59 -7.15 -10.68
N HIS A 137 14.04 -6.21 -9.91
CA HIS A 137 14.29 -4.81 -10.22
C HIS A 137 15.39 -4.22 -9.37
N LEU A 138 16.21 -5.09 -8.79
CA LEU A 138 17.35 -4.66 -8.00
C LEU A 138 18.66 -5.14 -8.58
N PRO A 139 19.74 -4.34 -8.46
CA PRO A 139 21.06 -4.89 -8.77
C PRO A 139 21.58 -5.69 -7.56
N VAL A 140 22.77 -6.27 -7.70
CA VAL A 140 23.43 -6.89 -6.54
C VAL A 140 23.68 -5.80 -5.54
N GLY A 141 23.38 -6.06 -4.27
CA GLY A 141 23.50 -5.00 -3.29
C GLY A 141 22.26 -4.12 -3.15
N GLY A 142 21.29 -4.24 -4.06
CA GLY A 142 19.99 -3.54 -3.92
C GLY A 142 19.19 -3.95 -2.68
N VAL A 143 18.41 -3.00 -2.18
CA VAL A 143 17.61 -3.20 -0.94
C VAL A 143 16.10 -3.26 -1.22
N LEU A 144 15.50 -4.32 -0.71
CA LEU A 144 14.07 -4.57 -0.88
C LEU A 144 13.46 -4.38 0.50
N VAL A 145 12.54 -3.43 0.59
CA VAL A 145 11.88 -3.09 1.87
C VAL A 145 10.38 -3.38 1.81
N ILE A 146 9.95 -4.29 2.67
CA ILE A 146 8.50 -4.65 2.79
C ILE A 146 7.98 -4.25 4.16
N ASP A 147 6.97 -3.37 4.13
CA ASP A 147 6.17 -3.03 5.29
C ASP A 147 5.00 -4.03 5.30
N PRO A 148 5.16 -5.12 6.07
CA PRO A 148 4.24 -6.23 6.01
C PRO A 148 2.90 -5.86 6.61
N TRP A 149 1.87 -6.62 6.25
CA TRP A 149 0.59 -6.54 6.99
C TRP A 149 0.79 -7.40 8.25
N TRP A 150 -0.23 -7.39 9.12
CA TRP A 150 -0.25 -8.21 10.33
C TRP A 150 -0.16 -9.70 10.08
N SER A 151 0.33 -10.42 11.11
CA SER A 151 0.46 -11.87 11.08
C SER A 151 -0.70 -12.48 11.86
N PRO A 152 -0.90 -13.80 11.75
CA PRO A 152 -1.96 -14.36 12.59
C PRO A 152 -1.82 -14.01 14.06
N GLY A 153 -0.58 -14.01 14.58
CA GLY A 153 -0.31 -13.66 15.99
C GLY A 153 -0.63 -12.25 16.41
N THR A 154 -0.35 -11.32 15.49
CA THR A 154 -0.39 -9.92 15.83
C THR A 154 -1.66 -9.21 15.39
N PHE A 155 -2.46 -9.82 14.51
CA PHE A 155 -3.71 -9.17 14.14
C PHE A 155 -4.61 -9.12 15.36
N LEU A 156 -5.25 -7.98 15.57
CA LEU A 156 -6.08 -7.76 16.75
C LEU A 156 -7.52 -7.75 16.30
N ASP A 157 -8.33 -8.64 16.86
CA ASP A 157 -9.77 -8.67 16.64
C ASP A 157 -10.36 -7.44 17.34
N GLY A 158 -11.51 -7.00 16.87
CA GLY A 158 -12.25 -5.91 17.50
C GLY A 158 -11.97 -4.51 16.98
N HIS A 159 -11.25 -4.35 15.87
CA HIS A 159 -10.95 -3.01 15.45
C HIS A 159 -12.20 -2.32 14.84
N ILE A 160 -12.48 -1.09 15.27
CA ILE A 160 -13.56 -0.25 14.72
C ILE A 160 -13.01 1.13 14.73
N ALA A 161 -13.15 1.87 13.65
CA ALA A 161 -12.67 3.22 13.57
C ALA A 161 -13.68 4.10 12.84
N HIS A 162 -13.65 5.41 13.07
CA HIS A 162 -14.51 6.39 12.39
C HIS A 162 -13.73 7.65 12.13
N ASP A 163 -14.17 8.45 11.20
CA ASP A 163 -13.56 9.74 10.97
C ASP A 163 -14.69 10.65 10.49
N VAL A 164 -14.49 11.95 10.59
CA VAL A 164 -15.44 12.93 10.11
C VAL A 164 -14.66 14.06 9.49
N VAL A 165 -15.10 14.57 8.34
CA VAL A 165 -14.49 15.75 7.74
C VAL A 165 -15.66 16.68 7.38
N GLU A 166 -15.74 17.83 8.05
CA GLU A 166 -16.85 18.76 7.93
C GLU A 166 -16.33 20.02 7.24
N GLY A 167 -16.68 20.21 5.98
CA GLY A 167 -16.18 21.32 5.20
C GLY A 167 -17.29 22.34 5.05
N GLU A 168 -17.04 23.30 4.17
CA GLU A 168 -18.06 24.28 3.80
C GLU A 168 -19.05 23.65 2.80
N GLY A 169 -20.29 23.50 3.22
CA GLY A 169 -21.31 22.89 2.36
C GLY A 169 -21.21 21.38 2.09
N ARG A 170 -20.29 20.67 2.74
CA ARG A 170 -20.04 19.24 2.56
C ARG A 170 -19.46 18.61 3.84
N THR A 171 -20.03 17.49 4.25
CA THR A 171 -19.59 16.70 5.39
C THR A 171 -19.44 15.23 4.93
N VAL A 172 -18.33 14.57 5.28
CA VAL A 172 -18.14 13.15 5.00
C VAL A 172 -17.81 12.42 6.28
N VAL A 173 -18.54 11.36 6.58
CA VAL A 173 -18.24 10.53 7.70
C VAL A 173 -17.86 9.15 7.22
N ARG A 174 -16.98 8.50 7.99
CA ARG A 174 -16.44 7.19 7.66
C ARG A 174 -16.48 6.27 8.84
N LEU A 175 -16.82 5.00 8.61
CA LEU A 175 -16.83 4.02 9.68
C LEU A 175 -16.23 2.75 9.09
N SER A 176 -15.36 2.10 9.86
CA SER A 176 -14.67 0.94 9.36
C SER A 176 -14.63 -0.14 10.45
N ARG A 177 -14.50 -1.38 10.03
CA ARG A 177 -14.54 -2.52 10.92
C ARG A 177 -13.70 -3.61 10.30
N SER A 178 -13.00 -4.41 11.10
CA SER A 178 -12.24 -5.55 10.55
C SER A 178 -12.46 -6.80 11.38
N HIS A 179 -12.38 -7.97 10.74
CA HIS A 179 -12.44 -9.23 11.45
C HIS A 179 -11.66 -10.29 10.69
N ARG A 180 -11.35 -11.34 11.44
CA ARG A 180 -10.47 -12.39 10.98
C ARG A 180 -11.33 -13.49 10.43
N ILE A 181 -10.95 -14.03 9.27
CA ILE A 181 -11.50 -15.26 8.74
C ILE A 181 -10.40 -16.20 8.28
N GLY A 182 -10.27 -17.35 8.95
CA GLY A 182 -9.13 -18.25 8.69
C GLY A 182 -7.83 -17.43 8.79
N ASP A 183 -6.98 -17.44 7.76
CA ASP A 183 -5.76 -16.60 7.75
C ASP A 183 -5.93 -15.33 6.88
N VAL A 184 -7.12 -14.75 6.84
CA VAL A 184 -7.47 -13.49 6.17
C VAL A 184 -8.04 -12.48 7.13
N SER A 185 -7.65 -11.22 7.04
CA SER A 185 -8.41 -10.16 7.72
C SER A 185 -9.33 -9.49 6.67
N ARG A 186 -10.58 -9.33 7.02
CA ARG A 186 -11.59 -8.74 6.17
C ARG A 186 -11.97 -7.39 6.68
N HIS A 187 -11.81 -6.41 5.82
CA HIS A 187 -11.94 -4.99 6.17
C HIS A 187 -13.16 -4.37 5.52
N GLU A 188 -14.08 -3.86 6.34
CA GLU A 188 -15.26 -3.15 5.78
C GLU A 188 -15.14 -1.67 6.05
N ALA A 189 -15.33 -0.85 5.02
CA ALA A 189 -15.30 0.61 5.15
C ALA A 189 -16.61 1.17 4.55
N HIS A 190 -17.33 2.00 5.30
CA HIS A 190 -18.53 2.67 4.81
C HIS A 190 -18.29 4.15 4.94
N TYR A 191 -18.74 4.88 3.93
CA TYR A 191 -18.79 6.34 3.94
C TYR A 191 -20.22 6.86 3.72
N LEU A 192 -20.60 7.93 4.44
CA LEU A 192 -21.74 8.78 4.04
C LEU A 192 -21.25 10.20 3.70
N ALA A 193 -21.68 10.73 2.57
CA ALA A 193 -21.39 12.12 2.24
C ALA A 193 -22.66 12.87 1.93
N ALA A 194 -22.68 14.15 2.30
CA ALA A 194 -23.82 15.01 2.07
C ALA A 194 -23.34 16.40 1.67
N ASP A 195 -23.89 16.92 0.58
CA ASP A 195 -23.68 18.31 0.14
C ASP A 195 -24.95 18.77 -0.56
N ALA A 196 -24.85 19.82 -1.36
CA ALA A 196 -26.03 20.44 -1.95
C ALA A 196 -26.65 19.53 -2.99
N THR A 197 -25.86 18.56 -3.48
CA THR A 197 -26.35 17.65 -4.49
C THR A 197 -27.12 16.47 -3.88
N GLY A 198 -27.05 16.28 -2.56
CA GLY A 198 -27.70 15.12 -1.93
C GLY A 198 -26.78 14.34 -1.01
N VAL A 199 -27.23 13.12 -0.73
CA VAL A 199 -26.54 12.19 0.14
C VAL A 199 -26.09 10.99 -0.69
N ARG A 200 -24.89 10.51 -0.38
CA ARG A 200 -24.35 9.30 -1.00
C ARG A 200 -23.80 8.38 0.05
N HIS A 201 -23.91 7.08 -0.19
CA HIS A 201 -23.35 6.05 0.69
C HIS A 201 -22.40 5.20 -0.15
N PHE A 202 -21.21 4.95 0.37
CA PHE A 202 -20.21 4.17 -0.36
C PHE A 202 -19.80 3.04 0.57
N SER A 203 -19.55 1.85 0.02
CA SER A 203 -18.96 0.82 0.84
C SER A 203 -17.97 -0.03 0.05
N GLN A 204 -17.03 -0.59 0.79
CA GLN A 204 -16.00 -1.48 0.24
C GLN A 204 -15.64 -2.57 1.27
N VAL A 205 -15.42 -3.78 0.77
CA VAL A 205 -14.98 -4.90 1.55
C VAL A 205 -13.72 -5.46 0.87
N GLN A 206 -12.66 -5.57 1.64
CA GLN A 206 -11.39 -6.04 1.10
CA GLN A 206 -11.33 -5.96 1.15
C GLN A 206 -10.72 -6.98 2.10
N ASP A 207 -10.12 -8.03 1.54
CA ASP A 207 -9.36 -9.04 2.29
C ASP A 207 -7.86 -8.76 2.16
N LEU A 208 -7.11 -9.03 3.24
CA LEU A 208 -5.67 -9.14 3.25
C LEU A 208 -5.25 -10.43 3.94
N THR A 209 -4.23 -11.10 3.40
CA THR A 209 -3.76 -12.35 4.02
C THR A 209 -2.89 -12.06 5.25
N LEU A 210 -3.07 -12.84 6.32
CA LEU A 210 -2.24 -12.80 7.47
C LEU A 210 -1.10 -13.82 7.34
N PHE A 211 0.09 -13.36 6.94
CA PHE A 211 1.23 -14.27 6.77
C PHE A 211 2.10 -14.25 8.00
N PRO A 212 2.51 -15.44 8.48
CA PRO A 212 3.48 -15.38 9.58
C PRO A 212 4.83 -14.86 9.12
N ALA A 213 5.63 -14.37 10.04
CA ALA A 213 7.00 -13.89 9.78
C ALA A 213 7.77 -14.81 8.86
N GLU A 214 7.67 -16.14 9.04
CA GLU A 214 8.52 -17.08 8.27
C GLU A 214 8.25 -16.96 6.78
N ASP A 215 6.99 -16.70 6.43
CA ASP A 215 6.58 -16.71 5.03
C ASP A 215 7.22 -15.51 4.31
N TYR A 216 7.34 -14.40 5.02
CA TYR A 216 7.95 -13.18 4.40
C TYR A 216 9.46 -13.38 4.21
N LEU A 217 10.08 -13.93 5.24
CA LEU A 217 11.53 -14.16 5.23
C LEU A 217 11.86 -15.17 4.13
N ALA A 218 11.03 -16.20 4.03
CA ALA A 218 11.17 -17.24 3.03
C ALA A 218 11.08 -16.70 1.61
N ALA A 219 10.11 -15.83 1.40
CA ALA A 219 9.90 -15.21 0.12
C ALA A 219 11.13 -14.42 -0.29
N LEU A 220 11.74 -13.73 0.66
CA LEU A 220 13.00 -12.96 0.44
C LEU A 220 14.16 -13.88 0.01
N ALA A 221 14.39 -14.94 0.78
CA ALA A 221 15.43 -15.94 0.47
C ALA A 221 15.23 -16.59 -0.89
N ALA A 222 14.01 -17.02 -1.20
CA ALA A 222 13.73 -17.57 -2.52
C ALA A 222 13.85 -16.56 -3.64
N ALA A 223 13.77 -15.26 -3.33
CA ALA A 223 13.99 -14.22 -4.34
C ALA A 223 15.46 -13.84 -4.46
N GLY A 224 16.35 -14.58 -3.81
CA GLY A 224 17.79 -14.33 -3.91
C GLY A 224 18.27 -13.13 -3.09
N CYS A 225 17.54 -12.82 -2.02
CA CYS A 225 17.90 -11.75 -1.09
C CYS A 225 18.21 -12.34 0.28
N GLU A 226 19.17 -11.73 0.96
CA GLU A 226 19.48 -12.04 2.34
C GLU A 226 18.44 -11.33 3.20
N PRO A 227 17.66 -12.12 3.99
CA PRO A 227 16.47 -11.60 4.70
C PRO A 227 16.79 -11.06 6.06
N GLU A 228 16.22 -9.92 6.43
CA GLU A 228 16.25 -9.42 7.78
C GLU A 228 14.84 -9.08 8.22
N HIS A 229 14.60 -9.23 9.50
CA HIS A 229 13.45 -8.62 10.13
C HIS A 229 13.94 -7.56 11.11
N LEU A 230 13.51 -6.31 10.90
CA LEU A 230 13.94 -5.17 11.67
C LEU A 230 12.77 -4.74 12.54
N THR A 231 12.99 -4.60 13.84
CA THR A 231 11.91 -4.19 14.78
C THR A 231 12.00 -2.75 15.32
N ASP A 232 13.05 -2.02 14.98
CA ASP A 232 13.19 -0.65 15.44
C ASP A 232 12.72 0.32 14.35
N VAL A 233 12.15 -0.21 13.27
CA VAL A 233 11.48 0.65 12.29
C VAL A 233 10.19 -0.05 11.95
N GLY A 234 9.32 0.59 11.17
CA GLY A 234 7.99 -0.01 10.95
C GLY A 234 7.10 0.14 12.17
N GLN A 235 5.87 -0.38 12.12
CA GLN A 235 4.93 -0.29 13.22
C GLN A 235 5.36 -1.22 14.34
N PRO A 236 5.03 -0.83 15.58
CA PRO A 236 5.29 -1.73 16.72
C PRO A 236 4.64 -3.08 16.52
N ARG A 237 5.39 -4.12 16.84
CA ARG A 237 4.99 -5.51 16.84
C ARG A 237 4.91 -6.01 15.41
N ARG A 238 5.17 -5.18 14.41
CA ARG A 238 5.43 -5.85 13.15
C ARG A 238 6.70 -5.60 12.42
N GLY A 239 7.24 -4.41 12.51
CA GLY A 239 8.55 -4.23 11.96
C GLY A 239 8.58 -4.15 10.45
N LEU A 240 9.79 -4.35 9.90
CA LEU A 240 9.94 -4.37 8.47
C LEU A 240 10.68 -5.61 8.08
N PHE A 241 10.36 -6.17 6.92
CA PHE A 241 11.19 -7.19 6.31
C PHE A 241 12.04 -6.59 5.21
N VAL A 242 13.34 -6.84 5.31
CA VAL A 242 14.31 -6.24 4.36
C VAL A 242 15.17 -7.33 3.77
N GLY A 243 15.48 -7.17 2.49
CA GLY A 243 16.33 -8.12 1.79
C GLY A 243 17.39 -7.35 1.00
N VAL A 244 18.60 -7.89 1.00
CA VAL A 244 19.67 -7.31 0.20
C VAL A 244 19.95 -8.30 -0.89
N ARG A 245 19.81 -7.85 -2.13
CA ARG A 245 19.96 -8.81 -3.21
C ARG A 245 21.43 -9.36 -3.26
N ARG A 246 21.57 -10.68 -3.30
CA ARG A 246 22.88 -11.36 -3.26
C ARG A 246 23.40 -11.69 -4.65
N GLU A 247 24.72 -11.57 -4.82
CA GLU A 247 25.42 -12.07 -6.01
C GLU A 247 25.36 -13.60 -6.12
N SAH B . 1.52 1.87 -0.58
CA SAH B . 0.36 2.84 -0.59
CB SAH B . -0.98 2.23 -1.07
CG SAH B . -2.09 1.87 -0.11
SD SAH B . -3.58 1.21 -0.76
C SAH B . 0.38 3.48 0.77
O SAH B . 1.07 3.09 1.70
OXT SAH B . -0.21 4.51 0.92
C5' SAH B . -3.14 -0.27 -1.63
C4' SAH B . -2.86 0.05 -3.11
O4' SAH B . -2.43 -1.13 -3.81
C3' SAH B . -4.11 0.51 -3.86
O3' SAH B . -3.81 1.79 -4.41
C2' SAH B . -4.35 -0.47 -4.99
O2' SAH B . -4.79 0.18 -6.21
C1' SAH B . -3.01 -1.14 -5.11
N9 SAH B . -3.03 -2.52 -5.62
C8 SAH B . -3.91 -3.52 -5.31
N7 SAH B . -3.62 -4.63 -6.01
C5 SAH B . -2.56 -4.33 -6.79
C6 SAH B . -1.78 -5.07 -7.78
N6 SAH B . -2.14 -6.35 -8.00
N1 SAH B . -0.74 -4.41 -8.35
C2 SAH B . -0.45 -3.13 -8.12
N3 SAH B . -1.12 -2.38 -7.22
C4 SAH B . -2.16 -2.93 -6.55
C1 EDO C . -14.02 -10.38 -1.10
O1 EDO C . -12.70 -10.96 -1.02
C2 EDO C . -15.17 -11.39 -1.33
O2 EDO C . -14.79 -12.72 -1.71
C1 EDO D . 2.78 16.21 -12.50
O1 EDO D . 3.14 17.42 -11.81
C2 EDO D . 3.85 15.83 -13.51
O2 EDO D . 4.17 14.45 -13.37
C1 EDO E . 5.57 -0.31 -18.63
O1 EDO E . 6.80 -0.96 -18.97
C2 EDO E . 4.45 -1.33 -18.40
O2 EDO E . 4.92 -2.52 -17.74
C1 EDO F . -35.09 5.23 0.32
O1 EDO F . -35.05 4.32 1.43
C2 EDO F . -36.20 4.85 -0.66
O2 EDO F . -36.35 3.43 -0.72
O5' THM G . -5.23 0.18 11.24
C5' THM G . -6.26 -0.59 11.89
C4' THM G . -6.07 -2.10 11.65
O4' THM G . -4.85 -2.35 12.35
C3' THM G . -7.13 -3.05 12.25
O3' THM G . -7.72 -3.92 11.25
C2' THM G . -6.45 -3.90 13.35
C1' THM G . -4.97 -3.59 13.07
N1 THM G . -3.96 -3.59 14.15
C2 THM G . -3.56 -4.91 14.42
O2 THM G . -4.14 -5.79 13.79
N3 THM G . -2.62 -5.21 15.32
C4 THM G . -1.97 -4.25 15.98
O4 THM G . -1.07 -4.54 16.82
C5 THM G . -2.36 -2.86 15.69
C5M THM G . -1.61 -1.82 16.48
C6 THM G . -3.34 -2.56 14.74
#